data_1OT7
#
_entry.id   1OT7
#
_cell.length_a   99.536
_cell.length_b   107.129
_cell.length_c   69.203
_cell.angle_alpha   90.00
_cell.angle_beta   90.00
_cell.angle_gamma   90.00
#
_symmetry.space_group_name_H-M   'P 21 21 2'
#
loop_
_entity.id
_entity.type
_entity.pdbx_description
1 polymer 'Bile Acid Receptor'
2 polymer 'dodecamer peptide fragment of RPGR-interacting protein 1'
3 non-polymer '6-ETHYL-CHENODEOXYCHOLIC ACID'
4 non-polymer 'ISO-URSODEOXYCHOLIC ACID'
5 water water
#
loop_
_entity_poly.entity_id
_entity_poly.type
_entity_poly.pdbx_seq_one_letter_code
_entity_poly.pdbx_strand_id
1 'polypeptide(L)'
;TELTVDQQTLLDYIMDSYSKQRMPQEITNKILKEEFSAEENFLILTEMATSHVQILVEFTKRLPGFQTLDHEDQIALLKG
SAVEAMFLRSAEIFNKKLPAGHADLLEERIRKSGISDEYITPMFSFYKSVGELKMTQEEYALLTAIVILSPDRQYIKDRE
AVEKLQEPLLDVLQKLCKIYQPENPQHFACLLGRLTELRTFNHHHAEMLMSWRVNDHKFTPLLCEIWDV
;
A,B
2 'polypeptide(L)' ENALLRYLLDKD C,D,E
#
# COMPACT_ATOMS: atom_id res chain seq x y z
N THR A 1 25.59 12.86 -3.60
CA THR A 1 25.90 11.68 -4.45
C THR A 1 26.41 10.53 -3.59
N GLU A 2 25.67 10.22 -2.54
CA GLU A 2 26.02 9.15 -1.61
C GLU A 2 26.00 7.81 -2.36
N LEU A 3 25.60 6.75 -1.66
CA LEU A 3 25.51 5.38 -2.20
C LEU A 3 26.63 4.48 -1.68
N THR A 4 26.37 3.84 -0.54
CA THR A 4 27.36 2.97 0.08
C THR A 4 27.80 1.79 -0.78
N VAL A 5 28.86 1.11 -0.36
CA VAL A 5 29.35 -0.03 -1.11
C VAL A 5 28.35 -1.16 -1.11
N ASP A 6 27.79 -1.47 0.07
CA ASP A 6 26.82 -2.54 0.15
C ASP A 6 25.66 -2.30 -0.82
N GLN A 7 25.28 -1.03 -1.00
CA GLN A 7 24.19 -0.69 -1.91
C GLN A 7 24.59 -0.82 -3.36
N GLN A 8 25.62 -0.11 -3.80
CA GLN A 8 26.08 -0.17 -5.20
C GLN A 8 26.30 -1.63 -5.62
N THR A 9 26.75 -2.45 -4.68
CA THR A 9 26.94 -3.87 -4.98
C THR A 9 25.53 -4.31 -5.37
N LEU A 10 24.64 -4.40 -4.39
CA LEU A 10 23.25 -4.80 -4.66
C LEU A 10 22.73 -4.21 -5.98
N LEU A 11 22.80 -2.90 -6.17
CA LEU A 11 22.29 -2.33 -7.42
C LEU A 11 23.05 -2.87 -8.63
N ASP A 12 24.36 -3.09 -8.49
CA ASP A 12 25.11 -3.61 -9.62
C ASP A 12 24.72 -5.05 -9.88
N TYR A 13 24.54 -5.81 -8.81
CA TYR A 13 24.13 -7.19 -8.95
C TYR A 13 22.77 -7.20 -9.63
N ILE A 14 21.76 -6.55 -9.03
CA ILE A 14 20.40 -6.49 -9.58
C ILE A 14 20.35 -6.05 -11.04
N MET A 15 21.07 -4.97 -11.37
CA MET A 15 21.09 -4.45 -12.74
C MET A 15 21.72 -5.42 -13.73
N ASP A 16 22.52 -6.35 -13.20
CA ASP A 16 23.19 -7.38 -13.99
C ASP A 16 22.05 -8.33 -14.28
N SER A 17 21.52 -8.88 -13.20
CA SER A 17 20.41 -9.83 -13.25
C SER A 17 19.21 -9.34 -14.05
N TYR A 18 19.00 -8.03 -14.08
CA TYR A 18 17.86 -7.47 -14.79
C TYR A 18 17.98 -7.61 -16.30
N SER A 19 19.16 -7.34 -16.84
CA SER A 19 19.30 -7.43 -18.28
C SER A 19 19.93 -8.71 -18.82
N LYS A 20 19.66 -9.85 -18.18
CA LYS A 20 20.23 -11.10 -18.65
C LYS A 20 19.34 -11.86 -19.64
N GLN A 21 18.30 -12.51 -19.15
CA GLN A 21 17.38 -13.27 -20.00
C GLN A 21 17.00 -12.58 -21.30
N ARG A 22 16.10 -11.61 -21.21
CA ARG A 22 15.64 -10.85 -22.39
C ARG A 22 14.71 -11.67 -23.29
N MET A 23 13.81 -10.99 -24.00
CA MET A 23 12.85 -11.63 -24.91
C MET A 23 13.49 -12.21 -26.15
N PRO A 24 13.24 -13.50 -26.43
CA PRO A 24 13.79 -14.18 -27.60
C PRO A 24 13.48 -13.43 -28.89
N GLN A 25 14.48 -13.37 -29.77
CA GLN A 25 14.35 -12.68 -31.05
C GLN A 25 13.13 -13.12 -31.87
N GLU A 26 12.87 -14.42 -31.89
CA GLU A 26 11.75 -14.97 -32.64
C GLU A 26 10.43 -14.27 -32.30
N ILE A 27 9.99 -14.42 -31.05
CA ILE A 27 8.74 -13.80 -30.59
C ILE A 27 8.75 -12.29 -30.77
N THR A 28 9.92 -11.67 -30.64
CA THR A 28 10.03 -10.22 -30.77
C THR A 28 9.66 -9.66 -32.14
N ASN A 29 10.53 -9.89 -33.13
CA ASN A 29 10.28 -9.40 -34.48
C ASN A 29 8.93 -9.88 -35.04
N LYS A 30 8.34 -10.85 -34.36
CA LYS A 30 7.06 -11.43 -34.77
C LYS A 30 5.97 -10.35 -34.88
N ILE A 31 6.23 -9.18 -34.29
CA ILE A 31 5.29 -8.06 -34.33
C ILE A 31 5.62 -7.19 -35.53
N LEU A 32 6.90 -7.18 -35.91
CA LEU A 32 7.34 -6.40 -37.06
C LEU A 32 6.80 -7.09 -38.31
N LYS A 33 7.23 -8.33 -38.54
CA LYS A 33 6.75 -9.11 -39.68
C LYS A 33 5.43 -9.73 -39.24
N GLU A 34 4.82 -10.53 -40.11
CA GLU A 34 3.52 -11.15 -39.80
C GLU A 34 2.58 -9.96 -39.67
N GLU A 35 1.27 -10.14 -39.87
CA GLU A 35 0.42 -8.97 -39.79
C GLU A 35 -0.87 -9.00 -39.00
N PHE A 36 -1.30 -7.80 -38.60
CA PHE A 36 -2.52 -7.55 -37.85
C PHE A 36 -3.32 -8.74 -37.33
N SER A 37 -4.62 -8.73 -37.59
CA SER A 37 -5.55 -9.76 -37.15
C SER A 37 -5.80 -9.65 -35.66
N ALA A 38 -7.04 -9.38 -35.29
CA ALA A 38 -7.40 -9.28 -33.89
C ALA A 38 -7.02 -10.59 -33.23
N GLU A 39 -7.14 -11.68 -33.98
CA GLU A 39 -6.81 -13.00 -33.45
C GLU A 39 -5.31 -13.27 -33.47
N GLU A 40 -4.61 -12.74 -34.47
CA GLU A 40 -3.17 -12.93 -34.55
C GLU A 40 -2.54 -12.09 -33.45
N ASN A 41 -2.89 -10.82 -33.42
CA ASN A 41 -2.37 -9.91 -32.40
C ASN A 41 -2.54 -10.52 -31.01
N PHE A 42 -3.72 -11.07 -30.74
CA PHE A 42 -3.96 -11.69 -29.44
C PHE A 42 -2.95 -12.82 -29.23
N LEU A 43 -2.73 -13.64 -30.26
CA LEU A 43 -1.78 -14.72 -30.13
C LEU A 43 -0.37 -14.20 -29.84
N ILE A 44 0.06 -13.20 -30.61
CA ILE A 44 1.38 -12.61 -30.42
C ILE A 44 1.50 -12.11 -29.00
N LEU A 45 0.70 -11.10 -28.67
CA LEU A 45 0.70 -10.52 -27.33
C LEU A 45 0.60 -11.62 -26.28
N THR A 46 -0.35 -12.56 -26.43
CA THR A 46 -0.51 -13.63 -25.45
C THR A 46 0.71 -14.58 -25.39
N GLU A 47 1.51 -14.60 -26.46
CA GLU A 47 2.70 -15.44 -26.53
C GLU A 47 3.77 -14.80 -25.67
N MET A 48 4.07 -13.53 -26.00
CA MET A 48 5.04 -12.69 -25.30
C MET A 48 4.80 -12.80 -23.80
N ALA A 49 3.62 -12.37 -23.37
CA ALA A 49 3.26 -12.42 -21.98
C ALA A 49 3.70 -13.74 -21.37
N THR A 50 3.49 -14.84 -22.10
CA THR A 50 3.87 -16.16 -21.60
C THR A 50 5.38 -16.20 -21.44
N SER A 51 6.09 -15.52 -22.34
CA SER A 51 7.55 -15.47 -22.30
C SER A 51 7.97 -14.67 -21.08
N HIS A 52 7.60 -13.40 -21.08
CA HIS A 52 7.91 -12.49 -19.99
C HIS A 52 7.76 -13.21 -18.66
N VAL A 53 6.72 -14.01 -18.54
CA VAL A 53 6.50 -14.72 -17.30
C VAL A 53 7.62 -15.68 -17.00
N GLN A 54 8.23 -16.24 -18.04
CA GLN A 54 9.33 -17.19 -17.84
C GLN A 54 10.58 -16.43 -17.35
N ILE A 55 10.91 -15.36 -18.08
CA ILE A 55 12.02 -14.48 -17.77
C ILE A 55 11.92 -14.06 -16.30
N LEU A 56 10.85 -13.36 -15.98
CA LEU A 56 10.61 -12.90 -14.63
C LEU A 56 10.91 -13.99 -13.62
N VAL A 57 10.31 -15.16 -13.78
CA VAL A 57 10.54 -16.23 -12.82
C VAL A 57 11.99 -16.63 -12.70
N GLU A 58 12.84 -16.16 -13.62
CA GLU A 58 14.25 -16.48 -13.52
C GLU A 58 14.91 -15.39 -12.68
N PHE A 59 14.56 -14.15 -12.99
CA PHE A 59 15.07 -12.98 -12.27
C PHE A 59 14.78 -13.14 -10.75
N THR A 60 13.52 -13.40 -10.41
CA THR A 60 13.20 -13.57 -9.01
C THR A 60 13.88 -14.80 -8.39
N LYS A 61 14.37 -15.73 -9.21
CA LYS A 61 15.03 -16.90 -8.63
C LYS A 61 16.48 -16.56 -8.30
N ARG A 62 17.00 -15.53 -8.94
CA ARG A 62 18.37 -15.12 -8.68
C ARG A 62 18.40 -13.70 -8.14
N LEU A 63 17.57 -13.48 -7.14
CA LEU A 63 17.47 -12.20 -6.44
C LEU A 63 17.98 -12.62 -5.07
N PRO A 64 18.96 -11.87 -4.54
CA PRO A 64 19.52 -12.18 -3.24
C PRO A 64 18.53 -12.69 -2.24
N GLY A 65 18.90 -13.75 -1.55
CA GLY A 65 18.04 -14.31 -0.52
C GLY A 65 16.84 -15.12 -0.97
N PHE A 66 16.36 -14.87 -2.21
CA PHE A 66 15.18 -15.59 -2.66
C PHE A 66 15.07 -17.08 -2.40
N GLN A 67 16.04 -17.89 -2.86
CA GLN A 67 15.96 -19.32 -2.64
C GLN A 67 16.00 -19.65 -1.16
N THR A 68 16.26 -18.64 -0.32
CA THR A 68 16.35 -18.88 1.11
C THR A 68 14.98 -18.96 1.74
N LEU A 69 14.00 -18.37 1.08
CA LEU A 69 12.62 -18.33 1.57
C LEU A 69 11.86 -19.65 1.43
N ASP A 70 10.91 -19.88 2.34
CA ASP A 70 10.07 -21.08 2.33
C ASP A 70 9.62 -21.32 0.89
N HIS A 71 9.59 -22.59 0.47
CA HIS A 71 9.22 -22.89 -0.91
C HIS A 71 7.85 -22.34 -1.30
N GLU A 72 6.86 -22.56 -0.44
CA GLU A 72 5.52 -22.05 -0.71
C GLU A 72 5.57 -20.53 -0.92
N ASP A 73 6.14 -19.81 0.06
CA ASP A 73 6.22 -18.37 -0.01
C ASP A 73 6.79 -17.91 -1.36
N GLN A 74 7.77 -18.66 -1.86
CA GLN A 74 8.41 -18.35 -3.13
C GLN A 74 7.38 -18.31 -4.26
N ILE A 75 6.53 -19.33 -4.28
CA ILE A 75 5.48 -19.44 -5.29
C ILE A 75 4.68 -18.16 -5.15
N ALA A 76 4.07 -18.10 -3.98
CA ALA A 76 3.21 -17.02 -3.53
C ALA A 76 3.63 -15.67 -4.05
N LEU A 77 4.90 -15.36 -3.82
CA LEU A 77 5.47 -14.09 -4.26
C LEU A 77 5.44 -13.96 -5.77
N LEU A 78 5.60 -15.09 -6.46
CA LEU A 78 5.60 -15.10 -7.92
C LEU A 78 4.19 -15.01 -8.44
N LYS A 79 3.34 -15.86 -7.88
CA LYS A 79 1.91 -15.88 -8.20
C LYS A 79 1.47 -14.44 -7.93
N GLY A 80 1.88 -13.94 -6.76
CA GLY A 80 1.53 -12.60 -6.36
C GLY A 80 1.98 -11.47 -7.28
N SER A 81 3.22 -11.51 -7.72
CA SER A 81 3.74 -10.40 -8.51
C SER A 81 3.63 -10.43 -10.04
N ALA A 82 3.54 -11.64 -10.60
CA ALA A 82 3.44 -11.84 -12.06
C ALA A 82 2.80 -10.70 -12.85
N VAL A 83 1.56 -10.32 -12.51
CA VAL A 83 0.92 -9.28 -13.30
C VAL A 83 1.58 -7.92 -13.15
N GLU A 84 1.59 -7.45 -11.91
CA GLU A 84 2.16 -6.14 -11.56
C GLU A 84 3.53 -5.94 -12.27
N ALA A 85 4.39 -6.94 -12.10
CA ALA A 85 5.72 -6.96 -12.75
C ALA A 85 5.53 -6.59 -14.23
N MET A 86 4.67 -7.37 -14.91
CA MET A 86 4.38 -7.12 -16.31
C MET A 86 3.88 -5.70 -16.53
N PHE A 87 3.12 -5.18 -15.58
CA PHE A 87 2.69 -3.80 -15.73
C PHE A 87 3.92 -2.91 -15.81
N LEU A 88 4.80 -3.00 -14.79
CA LEU A 88 6.04 -2.22 -14.75
C LEU A 88 6.81 -2.37 -16.07
N ARG A 89 7.03 -3.62 -16.46
CA ARG A 89 7.74 -3.87 -17.71
C ARG A 89 6.98 -3.13 -18.80
N SER A 90 5.67 -3.33 -18.84
CA SER A 90 4.84 -2.67 -19.83
C SER A 90 5.17 -1.18 -19.75
N ALA A 91 5.17 -0.65 -18.53
CA ALA A 91 5.48 0.76 -18.36
C ALA A 91 6.82 1.07 -19.02
N GLU A 92 7.87 0.41 -18.54
CA GLU A 92 9.22 0.62 -19.04
C GLU A 92 9.27 0.63 -20.55
N ILE A 93 8.73 -0.41 -21.18
CA ILE A 93 8.75 -0.50 -22.63
C ILE A 93 8.16 0.72 -23.32
N PHE A 94 6.87 0.98 -23.09
CA PHE A 94 6.18 2.10 -23.73
C PHE A 94 6.83 3.47 -23.59
N ASN A 95 6.59 4.15 -22.46
CA ASN A 95 7.17 5.47 -22.29
C ASN A 95 8.69 5.41 -22.25
N LYS A 96 9.32 6.56 -22.44
CA LYS A 96 10.76 6.72 -22.43
C LYS A 96 11.56 6.18 -23.60
N LYS A 97 12.37 7.08 -24.14
CA LYS A 97 13.25 6.81 -25.27
C LYS A 97 12.68 5.90 -26.34
N LEU A 98 12.29 6.53 -27.45
CA LEU A 98 11.73 5.81 -28.59
C LEU A 98 12.88 5.36 -29.49
N PRO A 99 13.27 4.08 -29.40
CA PRO A 99 14.37 3.59 -30.24
C PRO A 99 14.00 3.59 -31.74
N ALA A 100 12.92 4.31 -32.07
CA ALA A 100 12.45 4.42 -33.44
C ALA A 100 12.20 3.06 -34.09
N GLY A 101 11.90 2.06 -33.25
CA GLY A 101 11.65 0.72 -33.76
C GLY A 101 10.38 0.09 -33.20
N HIS A 102 10.30 -1.24 -33.26
CA HIS A 102 9.14 -1.96 -32.76
C HIS A 102 8.93 -1.78 -31.26
N ALA A 103 7.83 -1.11 -30.95
CA ALA A 103 7.40 -0.80 -29.59
C ALA A 103 6.20 0.09 -29.85
N ASP A 104 6.41 1.08 -30.71
CA ASP A 104 5.37 2.01 -31.12
C ASP A 104 4.39 1.14 -31.88
N LEU A 105 4.94 0.13 -32.54
CA LEU A 105 4.16 -0.81 -33.33
C LEU A 105 3.44 -1.77 -32.39
N LEU A 106 4.08 -2.12 -31.29
CA LEU A 106 3.47 -3.03 -30.33
C LEU A 106 2.15 -2.45 -29.84
N GLU A 107 2.09 -1.13 -29.69
CA GLU A 107 0.88 -0.48 -29.21
C GLU A 107 -0.27 -0.73 -30.19
N GLU A 108 0.02 -0.68 -31.49
CA GLU A 108 -1.01 -0.92 -32.49
C GLU A 108 -1.62 -2.29 -32.31
N ARG A 109 -0.78 -3.30 -32.09
CA ARG A 109 -1.27 -4.66 -31.89
C ARG A 109 -2.23 -4.70 -30.71
N ILE A 110 -1.82 -4.08 -29.60
CA ILE A 110 -2.67 -4.04 -28.42
C ILE A 110 -3.97 -3.35 -28.81
N ARG A 111 -3.86 -2.17 -29.42
CA ARG A 111 -5.03 -1.44 -29.87
C ARG A 111 -5.73 -2.38 -30.85
N LYS A 112 -6.97 -2.75 -30.56
CA LYS A 112 -7.71 -3.65 -31.42
C LYS A 112 -7.03 -5.02 -31.47
N SER A 113 -7.29 -5.82 -30.44
CA SER A 113 -6.75 -7.15 -30.31
C SER A 113 -7.72 -7.86 -29.37
N GLY A 114 -8.97 -7.43 -29.43
CA GLY A 114 -10.02 -8.00 -28.59
C GLY A 114 -10.11 -7.37 -27.22
N ILE A 115 -9.31 -6.33 -27.01
CA ILE A 115 -9.27 -5.64 -25.72
C ILE A 115 -10.10 -4.35 -25.78
N SER A 116 -11.12 -4.26 -24.94
CA SER A 116 -12.01 -3.11 -24.89
C SER A 116 -11.31 -1.75 -24.72
N ASP A 117 -11.56 -0.84 -25.65
CA ASP A 117 -10.94 0.50 -25.63
C ASP A 117 -11.25 1.25 -24.35
N GLU A 118 -11.98 0.61 -23.45
CA GLU A 118 -12.33 1.23 -22.17
C GLU A 118 -11.32 0.86 -21.10
N TYR A 119 -10.45 -0.09 -21.43
CA TYR A 119 -9.41 -0.57 -20.52
C TYR A 119 -8.04 -0.10 -20.98
N ILE A 120 -7.85 -0.01 -22.29
CA ILE A 120 -6.58 0.43 -22.86
C ILE A 120 -6.37 1.94 -22.76
N THR A 121 -7.43 2.67 -22.39
CA THR A 121 -7.35 4.12 -22.27
C THR A 121 -6.86 4.57 -20.90
N PRO A 122 -7.33 3.92 -19.82
CA PRO A 122 -6.87 4.29 -18.49
C PRO A 122 -5.51 3.66 -18.23
N MET A 123 -5.34 2.45 -18.75
CA MET A 123 -4.10 1.72 -18.60
C MET A 123 -2.99 2.53 -19.26
N PHE A 124 -3.18 2.86 -20.53
CA PHE A 124 -2.20 3.66 -21.26
C PHE A 124 -2.09 5.06 -20.67
N SER A 125 -2.92 5.36 -19.67
CA SER A 125 -2.87 6.66 -19.03
C SER A 125 -1.85 6.50 -17.89
N PHE A 126 -2.03 5.42 -17.13
CA PHE A 126 -1.16 5.06 -16.02
C PHE A 126 0.29 5.06 -16.52
N TYR A 127 0.54 4.27 -17.56
CA TYR A 127 1.88 4.17 -18.15
C TYR A 127 2.39 5.55 -18.49
N LYS A 128 1.53 6.41 -19.04
CA LYS A 128 1.99 7.74 -19.39
C LYS A 128 2.37 8.47 -18.11
N SER A 129 1.67 8.18 -17.02
CA SER A 129 1.94 8.82 -15.73
C SER A 129 3.31 8.43 -15.16
N VAL A 130 3.59 7.14 -15.09
CA VAL A 130 4.89 6.70 -14.56
C VAL A 130 5.94 7.29 -15.49
N GLY A 131 5.52 7.52 -16.73
CA GLY A 131 6.41 8.09 -17.73
C GLY A 131 6.77 9.51 -17.32
N GLU A 132 5.83 10.19 -16.67
CA GLU A 132 6.05 11.54 -16.21
C GLU A 132 7.20 11.56 -15.20
N LEU A 133 7.38 10.45 -14.50
CA LEU A 133 8.43 10.31 -13.49
C LEU A 133 9.82 10.21 -14.10
N LYS A 134 9.89 9.93 -15.40
CA LYS A 134 11.16 9.82 -16.10
C LYS A 134 12.15 8.96 -15.32
N MET A 135 11.84 7.69 -15.18
CA MET A 135 12.68 6.76 -14.45
C MET A 135 13.84 6.24 -15.29
N THR A 136 14.66 5.44 -14.62
CA THR A 136 15.83 4.83 -15.22
C THR A 136 15.75 3.34 -15.00
N GLN A 137 16.51 2.61 -15.82
CA GLN A 137 16.57 1.15 -15.74
C GLN A 137 16.63 0.70 -14.28
N GLU A 138 17.50 1.35 -13.51
CA GLU A 138 17.72 1.02 -12.10
C GLU A 138 16.43 1.04 -11.28
N GLU A 139 15.67 2.11 -11.44
CA GLU A 139 14.40 2.28 -10.74
C GLU A 139 13.45 1.14 -11.14
N TYR A 140 13.32 0.91 -12.45
CA TYR A 140 12.48 -0.17 -12.97
C TYR A 140 12.94 -1.52 -12.38
N ALA A 141 14.26 -1.76 -12.45
CA ALA A 141 14.82 -2.99 -11.90
C ALA A 141 14.47 -3.11 -10.40
N LEU A 142 14.68 -2.03 -9.65
CA LEU A 142 14.38 -2.03 -8.22
C LEU A 142 12.88 -2.16 -7.98
N LEU A 143 12.10 -1.32 -8.65
CA LEU A 143 10.65 -1.38 -8.53
C LEU A 143 10.24 -2.82 -8.74
N THR A 144 10.63 -3.42 -9.87
CA THR A 144 10.26 -4.80 -10.10
C THR A 144 10.77 -5.64 -8.96
N ALA A 145 12.03 -5.40 -8.61
CA ALA A 145 12.66 -6.15 -7.54
C ALA A 145 11.88 -6.08 -6.23
N ILE A 146 11.56 -4.86 -5.79
CA ILE A 146 10.81 -4.70 -4.53
C ILE A 146 9.41 -5.27 -4.67
N VAL A 147 8.78 -5.03 -5.83
CA VAL A 147 7.43 -5.58 -6.02
C VAL A 147 7.43 -7.10 -5.90
N ILE A 148 8.36 -7.80 -6.56
CA ILE A 148 8.33 -9.23 -6.38
C ILE A 148 8.50 -9.54 -4.90
N LEU A 149 9.21 -8.67 -4.19
CA LEU A 149 9.46 -8.87 -2.77
C LEU A 149 8.51 -8.06 -1.87
N SER A 150 7.24 -8.46 -1.89
CA SER A 150 6.17 -7.85 -1.12
C SER A 150 5.76 -8.83 -0.03
N PRO A 151 5.87 -8.42 1.23
CA PRO A 151 5.52 -9.29 2.36
C PRO A 151 4.01 -9.29 2.56
N ASP A 152 3.36 -8.27 2.01
CA ASP A 152 1.93 -8.11 2.09
C ASP A 152 1.34 -8.72 0.81
N ARG A 153 1.47 -10.04 0.72
CA ARG A 153 0.98 -10.81 -0.41
C ARG A 153 0.06 -11.83 0.26
N GLN A 154 -1.10 -12.04 -0.31
CA GLN A 154 -2.10 -12.91 0.29
C GLN A 154 -1.78 -14.19 1.08
N TYR A 155 -0.71 -14.92 0.78
CA TYR A 155 -0.53 -16.16 1.55
C TYR A 155 0.78 -16.44 2.28
N ILE A 156 1.81 -15.63 2.07
CA ILE A 156 3.11 -15.89 2.70
C ILE A 156 3.03 -16.05 4.22
N LYS A 157 3.51 -17.20 4.70
CA LYS A 157 3.48 -17.55 6.13
C LYS A 157 4.44 -16.77 7.04
N ASP A 158 5.52 -16.27 6.46
CA ASP A 158 6.55 -15.56 7.20
C ASP A 158 6.82 -14.28 6.44
N ARG A 159 6.30 -13.16 6.97
CA ARG A 159 6.50 -11.88 6.29
C ARG A 159 7.80 -11.22 6.68
N GLU A 160 8.26 -11.47 7.91
CA GLU A 160 9.48 -10.83 8.33
C GLU A 160 10.62 -11.19 7.37
N ALA A 161 10.74 -12.48 7.07
CA ALA A 161 11.77 -13.01 6.20
C ALA A 161 11.75 -12.40 4.81
N VAL A 162 10.62 -11.89 4.39
CA VAL A 162 10.52 -11.30 3.07
C VAL A 162 10.92 -9.85 3.16
N GLU A 163 10.52 -9.20 4.25
CA GLU A 163 10.85 -7.80 4.43
C GLU A 163 12.35 -7.61 4.39
N LYS A 164 13.07 -8.37 5.21
CA LYS A 164 14.54 -8.30 5.29
C LYS A 164 15.14 -8.12 3.90
N LEU A 165 14.67 -8.93 2.97
CA LEU A 165 15.15 -8.86 1.60
C LEU A 165 14.58 -7.63 0.90
N GLN A 166 13.39 -7.19 1.30
CA GLN A 166 12.80 -6.04 0.63
C GLN A 166 13.38 -4.68 1.02
N GLU A 167 13.55 -4.46 2.32
CA GLU A 167 14.09 -3.19 2.81
C GLU A 167 15.32 -2.70 2.05
N PRO A 168 16.38 -3.52 2.00
CA PRO A 168 17.59 -3.12 1.29
C PRO A 168 17.34 -2.51 -0.08
N LEU A 169 16.49 -3.19 -0.85
CA LEU A 169 16.15 -2.76 -2.19
C LEU A 169 15.46 -1.44 -2.08
N LEU A 170 14.57 -1.36 -1.09
CA LEU A 170 13.78 -0.17 -0.79
C LEU A 170 14.72 0.99 -0.41
N ASP A 171 15.69 0.72 0.47
CA ASP A 171 16.63 1.78 0.86
C ASP A 171 17.48 2.23 -0.35
N VAL A 172 17.74 1.31 -1.27
CA VAL A 172 18.55 1.70 -2.42
C VAL A 172 17.79 2.56 -3.41
N LEU A 173 16.49 2.30 -3.56
CA LEU A 173 15.67 3.09 -4.48
C LEU A 173 15.49 4.51 -3.94
N GLN A 174 15.31 4.60 -2.62
CA GLN A 174 15.12 5.88 -1.95
C GLN A 174 16.31 6.80 -2.12
N LYS A 175 17.47 6.37 -1.63
CA LYS A 175 18.69 7.17 -1.75
C LYS A 175 19.00 7.38 -3.24
N LEU A 176 18.55 6.43 -4.07
CA LEU A 176 18.77 6.51 -5.50
C LEU A 176 17.84 7.59 -6.07
N CYS A 177 16.79 7.92 -5.32
CA CYS A 177 15.82 8.94 -5.74
C CYS A 177 16.39 10.34 -5.54
N LYS A 178 16.88 10.60 -4.33
CA LYS A 178 17.45 11.90 -4.00
C LYS A 178 18.45 12.29 -5.07
N ILE A 179 19.36 11.37 -5.33
CA ILE A 179 20.42 11.55 -6.30
C ILE A 179 19.95 11.95 -7.70
N TYR A 180 19.19 11.09 -8.37
CA TYR A 180 18.73 11.38 -9.73
C TYR A 180 17.73 12.53 -9.82
N GLN A 181 16.82 12.62 -8.85
CA GLN A 181 15.81 13.68 -8.87
C GLN A 181 15.58 14.27 -7.48
N PRO A 182 16.45 15.19 -7.06
CA PRO A 182 16.37 15.87 -5.76
C PRO A 182 15.51 17.12 -5.79
N GLU A 183 15.28 17.65 -7.00
CA GLU A 183 14.50 18.87 -7.17
C GLU A 183 13.27 18.94 -6.28
N ASN A 184 12.60 17.80 -6.09
CA ASN A 184 11.38 17.79 -5.28
C ASN A 184 11.60 17.54 -3.78
N PRO A 185 11.62 16.27 -3.31
CA PRO A 185 11.52 14.95 -3.94
C PRO A 185 10.08 14.41 -4.01
N GLN A 186 9.65 13.73 -2.94
CA GLN A 186 8.32 13.12 -2.87
C GLN A 186 8.32 11.98 -3.88
N HIS A 187 9.22 12.09 -4.84
CA HIS A 187 9.38 11.12 -5.92
C HIS A 187 9.48 9.68 -5.42
N PHE A 188 10.06 9.50 -4.24
CA PHE A 188 10.19 8.17 -3.69
C PHE A 188 8.86 7.74 -3.06
N ALA A 189 8.03 8.72 -2.72
CA ALA A 189 6.73 8.43 -2.13
C ALA A 189 5.82 8.15 -3.31
N CYS A 190 5.91 9.04 -4.30
CA CYS A 190 5.12 8.93 -5.51
C CYS A 190 5.29 7.53 -6.08
N LEU A 191 6.53 7.07 -6.18
CA LEU A 191 6.75 5.75 -6.73
C LEU A 191 6.05 4.73 -5.84
N LEU A 192 6.40 4.64 -4.57
CA LEU A 192 5.72 3.64 -3.75
C LEU A 192 4.21 3.77 -3.99
N GLY A 193 3.80 4.93 -4.49
CA GLY A 193 2.39 5.15 -4.78
C GLY A 193 1.98 4.22 -5.92
N ARG A 194 2.47 4.53 -7.11
CA ARG A 194 2.19 3.73 -8.31
C ARG A 194 2.20 2.25 -7.95
N LEU A 195 3.00 1.85 -6.98
CA LEU A 195 3.00 0.45 -6.61
C LEU A 195 1.62 0.11 -6.08
N THR A 196 1.12 0.88 -5.10
CA THR A 196 -0.21 0.65 -4.54
C THR A 196 -1.24 0.79 -5.64
N GLU A 197 -0.96 1.68 -6.59
CA GLU A 197 -1.85 1.87 -7.71
C GLU A 197 -2.02 0.60 -8.55
N LEU A 198 -0.94 0.16 -9.21
CA LEU A 198 -1.00 -1.03 -10.06
C LEU A 198 -1.59 -2.24 -9.37
N ARG A 199 -1.65 -2.19 -8.04
CA ARG A 199 -2.24 -3.27 -7.29
C ARG A 199 -3.76 -3.31 -7.63
N THR A 200 -4.42 -2.15 -7.74
CA THR A 200 -5.86 -2.13 -8.08
C THR A 200 -6.00 -2.38 -9.58
N PHE A 201 -4.90 -2.24 -10.31
CA PHE A 201 -4.90 -2.48 -11.75
C PHE A 201 -4.84 -3.99 -11.99
N ASN A 202 -4.38 -4.74 -10.99
CA ASN A 202 -4.31 -6.18 -11.12
C ASN A 202 -5.75 -6.66 -10.98
N HIS A 203 -6.57 -5.80 -10.36
CA HIS A 203 -7.99 -6.10 -10.14
C HIS A 203 -8.80 -5.92 -11.42
N HIS A 204 -8.60 -4.81 -12.13
CA HIS A 204 -9.31 -4.59 -13.37
C HIS A 204 -8.85 -5.68 -14.36
N HIS A 205 -7.60 -6.07 -14.23
CA HIS A 205 -6.98 -7.07 -15.08
C HIS A 205 -7.67 -8.44 -15.07
N ALA A 206 -7.96 -9.01 -13.91
CA ALA A 206 -8.62 -10.33 -13.88
C ALA A 206 -10.04 -10.24 -14.44
N GLU A 207 -10.68 -9.10 -14.24
CA GLU A 207 -12.04 -8.91 -14.73
C GLU A 207 -12.01 -8.84 -16.24
N MET A 208 -11.27 -7.87 -16.77
CA MET A 208 -11.18 -7.69 -18.21
C MET A 208 -10.79 -8.99 -18.92
N LEU A 209 -10.25 -9.94 -18.16
CA LEU A 209 -9.86 -11.22 -18.76
C LEU A 209 -11.06 -12.06 -19.15
N MET A 210 -12.01 -12.21 -18.23
CA MET A 210 -13.17 -13.01 -18.53
C MET A 210 -14.01 -12.40 -19.66
N SER A 211 -13.57 -11.26 -20.19
CA SER A 211 -14.28 -10.63 -21.30
C SER A 211 -13.30 -10.43 -22.44
N TRP A 212 -12.31 -11.33 -22.49
CA TRP A 212 -11.26 -11.29 -23.51
C TRP A 212 -10.65 -12.67 -23.66
N ARG A 213 -13.56 -11.57 -25.69
CA ARG A 213 -12.74 -12.65 -26.22
C ARG A 213 -12.25 -12.33 -27.62
N VAL A 214 -11.80 -13.37 -28.31
CA VAL A 214 -11.29 -13.22 -29.67
C VAL A 214 -11.57 -14.52 -30.40
N ASN A 215 -12.73 -14.58 -31.06
CA ASN A 215 -13.13 -15.78 -31.79
C ASN A 215 -13.40 -16.89 -30.77
N ASP A 216 -12.33 -17.55 -30.31
CA ASP A 216 -12.45 -18.60 -29.31
C ASP A 216 -11.07 -19.10 -28.89
N HIS A 217 -10.04 -18.36 -29.30
CA HIS A 217 -8.67 -18.71 -28.97
C HIS A 217 -8.48 -18.81 -27.48
N LYS A 218 -7.52 -19.61 -27.05
CA LYS A 218 -7.28 -19.77 -25.63
C LYS A 218 -5.94 -19.19 -25.19
N PHE A 219 -5.75 -19.10 -23.88
CA PHE A 219 -4.52 -18.58 -23.31
C PHE A 219 -3.58 -19.75 -23.02
N THR A 220 -2.29 -19.55 -23.31
CA THR A 220 -1.27 -20.56 -23.08
C THR A 220 -1.46 -21.11 -21.67
N PRO A 221 -1.33 -22.43 -21.47
CA PRO A 221 -1.52 -23.02 -20.14
C PRO A 221 -0.87 -22.23 -19.00
N LEU A 222 0.30 -21.64 -19.24
CA LEU A 222 0.96 -20.87 -18.19
C LEU A 222 0.05 -19.73 -17.79
N LEU A 223 -0.24 -18.81 -18.71
CA LEU A 223 -1.16 -17.70 -18.41
C LEU A 223 -2.40 -18.21 -17.70
N CYS A 224 -3.00 -19.28 -18.22
CA CYS A 224 -4.19 -19.78 -17.55
C CYS A 224 -3.94 -20.03 -16.07
N GLU A 225 -2.70 -20.31 -15.68
CA GLU A 225 -2.40 -20.58 -14.28
C GLU A 225 -1.88 -19.36 -13.49
N ILE A 226 -1.24 -18.42 -14.17
CA ILE A 226 -0.75 -17.25 -13.49
C ILE A 226 -1.69 -16.06 -13.70
N TRP A 227 -2.64 -16.19 -14.59
CA TRP A 227 -3.62 -15.13 -14.78
C TRP A 227 -4.95 -15.70 -14.32
N ASP A 228 -4.85 -16.78 -13.54
CA ASP A 228 -5.98 -17.51 -12.97
C ASP A 228 -6.81 -18.31 -13.97
N VAL A 229 -7.19 -17.65 -15.07
CA VAL A 229 -7.96 -18.30 -16.13
C VAL A 229 -8.08 -17.35 -17.31
N THR B 1 -15.42 16.96 -14.74
CA THR B 1 -15.86 15.63 -14.23
C THR B 1 -15.88 15.62 -12.71
N GLU B 2 -16.81 16.36 -12.12
CA GLU B 2 -16.94 16.44 -10.66
C GLU B 2 -17.44 15.12 -10.10
N LEU B 3 -17.73 15.11 -8.81
CA LEU B 3 -18.21 13.89 -8.15
C LEU B 3 -19.56 13.45 -8.68
N THR B 4 -19.83 12.15 -8.60
CA THR B 4 -21.11 11.65 -9.05
C THR B 4 -21.93 11.28 -7.83
N VAL B 5 -23.25 11.43 -7.94
CA VAL B 5 -24.18 11.13 -6.86
C VAL B 5 -23.72 9.97 -5.98
N ASP B 6 -23.27 8.87 -6.60
CA ASP B 6 -22.83 7.69 -5.84
C ASP B 6 -21.58 7.96 -5.02
N GLN B 7 -20.72 8.83 -5.54
CA GLN B 7 -19.48 9.19 -4.87
C GLN B 7 -19.83 10.11 -3.71
N GLN B 8 -20.54 11.19 -4.02
CA GLN B 8 -20.94 12.13 -2.97
C GLN B 8 -21.73 11.36 -1.92
N THR B 9 -22.48 10.34 -2.31
CA THR B 9 -23.23 9.65 -1.27
C THR B 9 -22.19 9.12 -0.31
N LEU B 10 -21.21 8.41 -0.87
CA LEU B 10 -20.12 7.80 -0.10
C LEU B 10 -19.29 8.81 0.69
N LEU B 11 -18.88 9.90 0.05
CA LEU B 11 -18.08 10.91 0.72
C LEU B 11 -18.82 11.47 1.94
N ASP B 12 -20.04 11.94 1.73
CA ASP B 12 -20.82 12.50 2.83
C ASP B 12 -20.99 11.51 3.97
N TYR B 13 -21.41 10.30 3.66
CA TYR B 13 -21.62 9.30 4.72
C TYR B 13 -20.38 9.10 5.61
N ILE B 14 -19.19 9.09 5.00
CA ILE B 14 -17.97 8.88 5.78
C ILE B 14 -17.54 10.16 6.49
N MET B 15 -17.68 11.30 5.82
CA MET B 15 -17.32 12.58 6.44
C MET B 15 -18.13 12.68 7.72
N ASP B 16 -19.44 12.49 7.58
CA ASP B 16 -20.35 12.54 8.71
C ASP B 16 -19.86 11.56 9.78
N SER B 17 -19.57 10.35 9.36
CA SER B 17 -19.13 9.34 10.31
C SER B 17 -17.76 9.62 10.94
N TYR B 18 -16.93 10.41 10.26
CA TYR B 18 -15.59 10.75 10.77
C TYR B 18 -15.73 11.76 11.90
N SER B 19 -16.40 12.87 11.57
CA SER B 19 -16.66 13.97 12.50
C SER B 19 -17.49 13.52 13.69
N LYS B 20 -18.22 12.43 13.51
CA LYS B 20 -19.10 11.90 14.54
C LYS B 20 -18.44 11.82 15.91
N GLN B 21 -17.14 11.53 15.94
CA GLN B 21 -16.41 11.42 17.19
C GLN B 21 -15.03 12.06 17.14
N ARG B 22 -14.89 13.24 17.73
CA ARG B 22 -13.61 13.95 17.75
C ARG B 22 -13.03 14.02 19.16
N MET B 23 -12.29 12.97 19.53
CA MET B 23 -11.70 12.85 20.87
C MET B 23 -12.68 13.41 21.89
N PRO B 24 -13.95 13.01 21.77
CA PRO B 24 -14.91 13.52 22.73
C PRO B 24 -14.57 13.14 24.16
N GLN B 25 -15.31 13.77 25.08
CA GLN B 25 -15.14 13.57 26.50
C GLN B 25 -14.16 14.60 26.99
N GLU B 26 -14.67 15.77 27.34
CA GLU B 26 -13.85 16.84 27.84
C GLU B 26 -13.00 16.32 28.99
N ILE B 27 -13.54 15.40 29.79
CA ILE B 27 -12.82 14.86 30.94
C ILE B 27 -11.40 14.36 30.58
N THR B 28 -11.11 14.26 29.30
CA THR B 28 -9.79 13.82 28.84
C THR B 28 -9.07 15.01 28.21
N ASN B 29 -9.51 15.53 27.07
CA ASN B 29 -8.80 16.68 26.50
C ASN B 29 -8.47 17.70 27.58
N LYS B 30 -9.31 17.78 28.62
CA LYS B 30 -9.04 18.73 29.70
C LYS B 30 -7.87 18.25 30.56
N ILE B 31 -7.89 16.98 30.97
CA ILE B 31 -6.80 16.44 31.77
C ILE B 31 -5.50 16.76 31.03
N LEU B 32 -5.64 17.22 29.80
CA LEU B 32 -4.50 17.55 28.97
C LEU B 32 -3.98 18.95 29.24
N LYS B 33 -4.70 19.72 30.05
CA LYS B 33 -4.28 21.09 30.36
C LYS B 33 -4.55 21.52 31.79
N GLU B 34 -4.79 20.58 32.69
CA GLU B 34 -5.10 20.91 34.06
C GLU B 34 -4.40 20.00 35.07
N GLU B 35 -4.12 18.77 34.65
CA GLU B 35 -3.46 17.82 35.54
C GLU B 35 -1.95 18.03 35.69
N PHE B 36 -1.35 17.27 36.61
CA PHE B 36 0.09 17.32 36.90
C PHE B 36 0.90 17.17 35.60
N SER B 37 1.96 17.97 35.41
CA SER B 37 2.78 17.84 34.21
C SER B 37 3.99 16.93 34.47
N ALA B 38 3.66 15.80 35.10
CA ALA B 38 4.57 14.73 35.51
C ALA B 38 4.60 13.59 34.51
N GLU B 39 4.79 12.41 35.08
CA GLU B 39 4.79 11.17 34.37
C GLU B 39 3.31 10.84 34.18
N GLU B 40 2.44 11.59 34.86
CA GLU B 40 1.01 11.36 34.75
C GLU B 40 0.69 11.43 33.29
N ASN B 41 1.54 12.12 32.54
CA ASN B 41 1.36 12.23 31.11
C ASN B 41 1.26 10.85 30.45
N PHE B 42 1.75 9.82 31.14
CA PHE B 42 1.64 8.48 30.57
C PHE B 42 0.15 8.23 30.59
N LEU B 43 -0.43 8.20 31.79
CA LEU B 43 -1.86 7.98 31.93
C LEU B 43 -2.68 8.83 30.97
N ILE B 44 -2.29 10.07 30.76
CA ILE B 44 -3.06 10.92 29.85
C ILE B 44 -2.97 10.43 28.43
N LEU B 45 -1.77 10.09 28.03
CA LEU B 45 -1.58 9.61 26.69
C LEU B 45 -2.26 8.25 26.48
N THR B 46 -2.20 7.36 27.46
CA THR B 46 -2.82 6.06 27.30
C THR B 46 -4.34 6.13 27.37
N GLU B 47 -4.88 7.09 28.11
CA GLU B 47 -6.33 7.20 28.15
C GLU B 47 -6.73 7.81 26.80
N MET B 48 -6.05 8.88 26.39
CA MET B 48 -6.37 9.51 25.11
C MET B 48 -6.42 8.40 24.07
N ALA B 49 -5.33 7.64 23.98
CA ALA B 49 -5.24 6.54 23.05
C ALA B 49 -6.45 5.63 23.23
N THR B 50 -6.60 5.01 24.40
CA THR B 50 -7.76 4.15 24.57
C THR B 50 -9.01 4.75 23.95
N SER B 51 -9.29 6.01 24.23
CA SER B 51 -10.49 6.61 23.66
C SER B 51 -10.46 6.48 22.14
N HIS B 52 -9.36 6.95 21.55
CA HIS B 52 -9.16 6.93 20.10
C HIS B 52 -9.43 5.55 19.49
N VAL B 53 -9.17 4.50 20.27
CA VAL B 53 -9.44 3.15 19.77
C VAL B 53 -10.94 3.09 19.69
N GLN B 54 -11.59 3.06 20.86
CA GLN B 54 -13.05 3.03 20.98
C GLN B 54 -13.68 3.81 19.84
N ILE B 55 -13.18 5.03 19.63
CA ILE B 55 -13.72 5.85 18.56
C ILE B 55 -13.45 5.26 17.19
N LEU B 56 -12.29 4.64 17.04
CA LEU B 56 -11.94 4.03 15.76
C LEU B 56 -12.91 2.91 15.40
N VAL B 57 -13.17 2.02 16.36
CA VAL B 57 -14.09 0.91 16.14
C VAL B 57 -15.45 1.38 15.64
N GLU B 58 -16.01 2.42 16.25
CA GLU B 58 -17.32 2.92 15.82
C GLU B 58 -17.28 3.40 14.37
N PHE B 59 -16.23 4.14 14.00
CA PHE B 59 -16.07 4.66 12.65
C PHE B 59 -15.91 3.51 11.64
N THR B 60 -15.21 2.45 12.05
CA THR B 60 -15.01 1.32 11.15
C THR B 60 -16.31 0.61 10.92
N LYS B 61 -16.92 0.13 12.01
CA LYS B 61 -18.18 -0.59 11.92
C LYS B 61 -19.26 0.17 11.16
N ARG B 62 -18.96 1.41 10.78
CA ARG B 62 -19.89 2.25 10.04
C ARG B 62 -19.36 2.44 8.61
N LEU B 63 -18.39 1.62 8.23
CA LEU B 63 -17.82 1.67 6.90
C LEU B 63 -18.77 0.85 5.99
N PRO B 64 -19.32 1.48 4.95
CA PRO B 64 -20.24 0.81 4.05
C PRO B 64 -20.43 -0.70 4.22
N GLY B 65 -19.50 -1.52 3.73
CA GLY B 65 -19.74 -2.94 3.88
C GLY B 65 -19.27 -3.62 5.15
N PHE B 66 -18.23 -3.06 5.76
CA PHE B 66 -17.61 -3.65 6.93
C PHE B 66 -18.30 -4.72 7.79
N GLN B 67 -19.54 -4.53 8.18
CA GLN B 67 -20.14 -5.55 9.07
C GLN B 67 -20.52 -6.82 8.38
N THR B 68 -20.44 -6.77 7.05
CA THR B 68 -20.74 -7.89 6.17
C THR B 68 -19.58 -8.91 6.17
N LEU B 69 -18.35 -8.41 6.08
CA LEU B 69 -17.16 -9.26 6.05
C LEU B 69 -17.16 -10.32 7.13
N ASP B 70 -16.41 -11.40 6.90
CA ASP B 70 -16.36 -12.47 7.88
C ASP B 70 -15.95 -11.91 9.25
N HIS B 71 -16.42 -12.55 10.32
CA HIS B 71 -16.10 -12.06 11.66
C HIS B 71 -14.59 -11.88 11.88
N GLU B 72 -13.84 -12.92 11.60
CA GLU B 72 -12.39 -12.90 11.77
C GLU B 72 -11.68 -11.90 10.85
N ASP B 73 -12.25 -11.57 9.70
CA ASP B 73 -11.57 -10.60 8.84
C ASP B 73 -11.86 -9.20 9.34
N GLN B 74 -12.68 -9.11 10.38
CA GLN B 74 -13.01 -7.82 10.97
C GLN B 74 -11.94 -7.54 12.01
N ILE B 75 -11.75 -8.48 12.92
CA ILE B 75 -10.72 -8.34 13.95
C ILE B 75 -9.40 -8.04 13.26
N ALA B 76 -9.01 -8.95 12.38
CA ALA B 76 -7.79 -8.84 11.60
C ALA B 76 -7.66 -7.48 10.93
N LEU B 77 -8.75 -6.94 10.40
CA LEU B 77 -8.70 -5.63 9.76
C LEU B 77 -8.61 -4.52 10.83
N LEU B 78 -9.11 -4.79 12.03
CA LEU B 78 -9.07 -3.79 13.08
C LEU B 78 -7.64 -3.66 13.62
N LYS B 79 -7.17 -4.70 14.32
CA LYS B 79 -5.84 -4.66 14.87
C LYS B 79 -4.87 -4.15 13.82
N GLY B 80 -4.74 -4.90 12.74
CA GLY B 80 -3.83 -4.50 11.69
C GLY B 80 -3.95 -3.07 11.17
N SER B 81 -4.87 -2.26 11.69
CA SER B 81 -5.01 -0.90 11.18
C SER B 81 -4.92 0.19 12.23
N ALA B 82 -5.17 -0.19 13.47
CA ALA B 82 -5.17 0.75 14.58
C ALA B 82 -4.07 1.80 14.52
N VAL B 83 -2.90 1.41 15.01
CA VAL B 83 -1.74 2.26 15.07
C VAL B 83 -1.53 3.12 13.81
N GLU B 84 -1.65 2.50 12.64
CA GLU B 84 -1.45 3.27 11.41
C GLU B 84 -2.49 4.38 11.42
N ALA B 85 -3.68 4.01 11.85
CA ALA B 85 -4.80 4.94 11.93
C ALA B 85 -4.33 6.02 12.87
N MET B 86 -4.10 5.60 14.11
CA MET B 86 -3.64 6.49 15.12
C MET B 86 -2.50 7.39 14.57
N PHE B 87 -1.52 6.81 13.88
CA PHE B 87 -0.47 7.66 13.35
C PHE B 87 -1.05 8.72 12.41
N LEU B 88 -1.94 8.33 11.50
CA LEU B 88 -2.52 9.31 10.58
C LEU B 88 -3.28 10.39 11.34
N ARG B 89 -3.86 9.99 12.47
CA ARG B 89 -4.61 10.89 13.30
C ARG B 89 -3.63 11.90 13.88
N SER B 90 -2.58 11.38 14.51
CA SER B 90 -1.55 12.22 15.13
C SER B 90 -1.17 13.29 14.15
N ALA B 91 -0.84 12.86 12.94
CA ALA B 91 -0.44 13.79 11.90
C ALA B 91 -1.43 14.96 11.75
N GLU B 92 -2.71 14.73 12.04
CA GLU B 92 -3.67 15.82 11.92
C GLU B 92 -3.58 16.72 13.14
N ILE B 93 -3.75 16.14 14.33
CA ILE B 93 -3.65 16.87 15.60
C ILE B 93 -2.46 17.78 15.51
N PHE B 94 -1.25 17.22 15.50
CA PHE B 94 -0.08 18.08 15.39
C PHE B 94 -0.23 18.61 13.99
N ASN B 95 0.50 19.66 13.66
CA ASN B 95 0.37 20.19 12.31
C ASN B 95 -1.06 20.69 12.05
N LYS B 96 -1.93 20.53 13.06
CA LYS B 96 -3.31 20.96 12.97
C LYS B 96 -3.37 22.39 12.48
N LYS B 97 -4.53 22.79 11.97
CA LYS B 97 -4.75 24.15 11.51
C LYS B 97 -4.15 25.07 12.56
N LEU B 98 -4.08 24.56 13.79
CA LEU B 98 -3.53 25.23 14.98
C LEU B 98 -4.62 25.47 16.01
N PRO B 99 -5.74 26.12 15.60
CA PRO B 99 -6.84 26.39 16.52
C PRO B 99 -6.94 25.36 17.63
N ALA B 100 -7.21 25.89 18.82
CA ALA B 100 -7.30 25.15 20.06
C ALA B 100 -6.02 25.62 20.76
N GLY B 101 -5.09 26.12 19.95
CA GLY B 101 -3.82 26.64 20.45
C GLY B 101 -2.85 25.70 21.15
N HIS B 102 -3.35 24.56 21.61
CA HIS B 102 -2.54 23.59 22.36
C HIS B 102 -1.98 22.30 21.73
N ALA B 103 -1.50 22.35 20.49
CA ALA B 103 -0.92 21.14 19.94
C ALA B 103 0.35 21.03 20.77
N ASP B 104 1.14 22.11 20.72
CA ASP B 104 2.40 22.25 21.44
C ASP B 104 2.34 21.63 22.83
N LEU B 105 1.22 21.78 23.52
CA LEU B 105 1.14 21.22 24.85
C LEU B 105 1.09 19.71 24.85
N LEU B 106 0.33 19.14 23.91
CA LEU B 106 0.22 17.68 23.82
C LEU B 106 1.58 17.09 23.49
N GLU B 107 2.21 17.65 22.47
CA GLU B 107 3.54 17.22 22.05
C GLU B 107 4.44 17.20 23.28
N GLU B 108 4.58 18.36 23.92
CA GLU B 108 5.39 18.52 25.12
C GLU B 108 5.11 17.42 26.13
N ARG B 109 3.84 17.27 26.51
CA ARG B 109 3.54 16.23 27.46
C ARG B 109 4.06 14.86 26.98
N ILE B 110 4.11 14.64 25.66
CA ILE B 110 4.58 13.35 25.15
C ILE B 110 6.06 13.24 25.44
N ARG B 111 6.77 14.34 25.16
CA ARG B 111 8.20 14.41 25.38
C ARG B 111 8.67 14.46 26.82
N LYS B 112 7.82 13.96 27.72
CA LYS B 112 8.12 13.86 29.16
C LYS B 112 7.39 12.64 29.73
N SER B 113 7.37 11.60 28.93
CA SER B 113 6.75 10.34 29.27
C SER B 113 7.88 9.33 29.08
N GLY B 114 7.74 8.14 29.65
CA GLY B 114 8.81 7.15 29.51
C GLY B 114 9.16 6.66 28.10
N ILE B 115 9.13 7.52 27.09
CA ILE B 115 9.48 7.10 25.72
C ILE B 115 10.69 7.87 25.19
N SER B 116 11.69 7.12 24.70
CA SER B 116 12.92 7.72 24.19
C SER B 116 12.76 8.73 23.06
N ASP B 117 13.76 9.59 22.90
CA ASP B 117 13.77 10.62 21.85
C ASP B 117 14.22 9.92 20.58
N GLU B 118 14.66 8.68 20.75
CA GLU B 118 15.11 7.86 19.63
C GLU B 118 13.86 7.60 18.80
N TYR B 119 12.81 7.27 19.53
CA TYR B 119 11.51 7.00 18.95
C TYR B 119 10.76 8.30 18.60
N ILE B 120 10.83 9.31 19.48
CA ILE B 120 10.14 10.59 19.28
C ILE B 120 10.58 11.46 18.11
N THR B 121 11.86 11.79 18.03
CA THR B 121 12.34 12.64 16.96
C THR B 121 11.91 12.22 15.56
N PRO B 122 12.06 10.92 15.23
CA PRO B 122 11.68 10.44 13.89
C PRO B 122 10.17 10.58 13.60
N MET B 123 9.33 10.22 14.58
CA MET B 123 7.88 10.33 14.41
C MET B 123 7.43 11.74 14.03
N PHE B 124 7.86 12.75 14.79
CA PHE B 124 7.46 14.11 14.48
C PHE B 124 8.04 14.57 13.15
N SER B 125 9.08 13.87 12.71
CA SER B 125 9.69 14.21 11.44
C SER B 125 8.63 13.80 10.43
N PHE B 126 8.00 12.67 10.71
CA PHE B 126 6.97 12.12 9.85
C PHE B 126 5.79 13.06 9.82
N TYR B 127 5.16 13.21 10.98
CA TYR B 127 4.01 14.07 11.14
C TYR B 127 4.28 15.39 10.43
N LYS B 128 5.42 15.97 10.74
CA LYS B 128 5.82 17.23 10.15
C LYS B 128 5.84 17.10 8.63
N SER B 129 6.36 15.98 8.16
CA SER B 129 6.46 15.75 6.72
C SER B 129 5.08 15.57 6.09
N VAL B 130 4.22 14.81 6.75
CA VAL B 130 2.87 14.58 6.25
C VAL B 130 2.17 15.92 6.06
N GLY B 131 2.16 16.72 7.12
CA GLY B 131 1.51 18.01 7.08
C GLY B 131 1.88 18.82 5.86
N GLU B 132 3.01 18.49 5.25
CA GLU B 132 3.50 19.20 4.08
C GLU B 132 2.56 18.98 2.88
N LEU B 133 1.85 17.86 2.91
CA LEU B 133 0.89 17.53 1.85
C LEU B 133 -0.42 18.11 2.32
N LYS B 134 -0.40 19.36 2.78
CA LYS B 134 -1.60 20.02 3.31
C LYS B 134 -2.89 19.32 2.90
N MET B 135 -3.21 18.30 3.67
CA MET B 135 -4.39 17.47 3.44
C MET B 135 -5.69 18.00 4.01
N THR B 136 -6.68 18.11 3.15
CA THR B 136 -8.01 18.55 3.57
C THR B 136 -8.50 17.49 4.52
N GLN B 137 -9.53 17.82 5.29
CA GLN B 137 -10.05 16.87 6.26
C GLN B 137 -10.69 15.67 5.56
N GLU B 138 -11.28 15.91 4.39
CA GLU B 138 -11.90 14.81 3.66
C GLU B 138 -10.83 13.79 3.35
N GLU B 139 -9.70 14.26 2.80
CA GLU B 139 -8.59 13.36 2.50
C GLU B 139 -8.29 12.52 3.74
N TYR B 140 -8.03 13.16 4.87
CA TYR B 140 -7.74 12.39 6.08
C TYR B 140 -8.78 11.27 6.27
N ALA B 141 -10.06 11.62 6.18
CA ALA B 141 -11.14 10.64 6.35
C ALA B 141 -11.04 9.43 5.41
N LEU B 142 -10.88 9.71 4.11
CA LEU B 142 -10.74 8.66 3.08
C LEU B 142 -9.56 7.75 3.44
N LEU B 143 -8.36 8.32 3.41
CA LEU B 143 -7.15 7.59 3.74
C LEU B 143 -7.38 6.69 4.96
N THR B 144 -7.86 7.27 6.07
CA THR B 144 -8.09 6.47 7.27
C THR B 144 -8.91 5.20 6.99
N ALA B 145 -9.89 5.33 6.10
CA ALA B 145 -10.77 4.22 5.72
C ALA B 145 -9.99 3.30 4.82
N ILE B 146 -9.43 3.90 3.78
CA ILE B 146 -8.57 3.18 2.83
C ILE B 146 -7.53 2.34 3.57
N VAL B 147 -7.16 2.80 4.76
CA VAL B 147 -6.18 2.09 5.57
C VAL B 147 -6.86 0.96 6.36
N ILE B 148 -8.05 1.23 6.87
CA ILE B 148 -8.75 0.20 7.65
C ILE B 148 -9.20 -0.88 6.68
N LEU B 149 -9.47 -0.46 5.44
CA LEU B 149 -9.89 -1.38 4.41
C LEU B 149 -8.73 -1.78 3.52
N SER B 150 -7.68 -2.35 4.12
CA SER B 150 -6.55 -2.80 3.31
C SER B 150 -6.64 -4.32 3.13
N PRO B 151 -6.88 -4.75 1.88
CA PRO B 151 -7.02 -6.15 1.50
C PRO B 151 -5.81 -7.00 1.80
N ASP B 152 -4.63 -6.41 1.65
CA ASP B 152 -3.39 -7.13 1.87
C ASP B 152 -2.75 -7.03 3.23
N ARG B 153 -3.53 -7.35 4.26
CA ARG B 153 -3.06 -7.29 5.63
C ARG B 153 -3.05 -8.73 6.10
N GLN B 154 -1.95 -9.13 6.71
CA GLN B 154 -1.82 -10.49 7.14
C GLN B 154 -3.03 -11.01 7.87
N TYR B 155 -3.39 -12.27 7.56
CA TYR B 155 -4.51 -12.97 8.18
C TYR B 155 -5.87 -12.81 7.51
N ILE B 156 -5.98 -11.89 6.56
CA ILE B 156 -7.25 -11.68 5.86
C ILE B 156 -7.61 -12.90 5.03
N LYS B 157 -8.71 -13.55 5.36
CA LYS B 157 -9.16 -14.74 4.65
C LYS B 157 -9.79 -14.46 3.29
N ASP B 158 -10.44 -13.32 3.16
CA ASP B 158 -11.13 -13.01 1.93
C ASP B 158 -10.70 -11.74 1.24
N ARG B 159 -9.50 -11.75 0.71
CA ARG B 159 -9.00 -10.56 0.05
C ARG B 159 -9.96 -9.83 -0.88
N GLU B 160 -10.53 -10.52 -1.87
CA GLU B 160 -11.42 -9.83 -2.79
C GLU B 160 -12.54 -9.04 -2.14
N ALA B 161 -13.18 -9.61 -1.11
CA ALA B 161 -14.26 -8.89 -0.43
C ALA B 161 -13.78 -7.50 -0.01
N VAL B 162 -12.81 -7.47 0.90
CA VAL B 162 -12.25 -6.23 1.38
C VAL B 162 -11.96 -5.29 0.22
N GLU B 163 -11.27 -5.81 -0.79
CA GLU B 163 -10.92 -4.96 -1.92
C GLU B 163 -12.11 -4.17 -2.48
N LYS B 164 -13.27 -4.83 -2.53
CA LYS B 164 -14.48 -4.21 -3.06
C LYS B 164 -14.79 -2.94 -2.28
N LEU B 165 -14.74 -3.04 -0.95
CA LEU B 165 -15.00 -1.90 -0.06
C LEU B 165 -14.09 -0.73 -0.32
N GLN B 166 -12.79 -0.99 -0.35
CA GLN B 166 -11.80 0.07 -0.52
C GLN B 166 -11.66 0.69 -1.91
N GLU B 167 -12.04 -0.04 -2.95
CA GLU B 167 -11.88 0.53 -4.27
C GLU B 167 -12.64 1.86 -4.41
N PRO B 168 -13.96 1.84 -4.18
CA PRO B 168 -14.71 3.10 -4.30
C PRO B 168 -14.12 4.25 -3.45
N LEU B 169 -13.68 3.93 -2.22
CA LEU B 169 -13.02 4.92 -1.34
C LEU B 169 -11.87 5.52 -2.15
N LEU B 170 -11.00 4.65 -2.67
CA LEU B 170 -9.84 5.05 -3.48
C LEU B 170 -10.29 5.85 -4.70
N ASP B 171 -11.43 5.45 -5.24
CA ASP B 171 -12.00 6.11 -6.41
C ASP B 171 -12.27 7.58 -6.06
N VAL B 172 -12.88 7.79 -4.89
CA VAL B 172 -13.22 9.11 -4.38
C VAL B 172 -11.98 9.98 -4.24
N LEU B 173 -11.08 9.52 -3.37
CA LEU B 173 -9.83 10.21 -3.11
C LEU B 173 -9.09 10.56 -4.41
N GLN B 174 -8.89 9.57 -5.29
CA GLN B 174 -8.20 9.82 -6.56
C GLN B 174 -8.89 10.93 -7.32
N LYS B 175 -10.22 10.85 -7.37
CA LYS B 175 -11.03 11.84 -8.09
C LYS B 175 -10.98 13.16 -7.34
N LEU B 176 -11.03 13.05 -6.01
CA LEU B 176 -10.94 14.24 -5.18
C LEU B 176 -9.64 14.97 -5.52
N CYS B 177 -8.51 14.28 -5.41
CA CYS B 177 -7.23 14.93 -5.69
C CYS B 177 -7.22 15.59 -7.07
N LYS B 178 -7.89 14.97 -8.04
CA LYS B 178 -7.96 15.52 -9.40
C LYS B 178 -8.71 16.85 -9.44
N ILE B 179 -9.33 17.22 -8.34
CA ILE B 179 -10.08 18.46 -8.26
C ILE B 179 -9.36 19.52 -7.44
N TYR B 180 -8.88 19.13 -6.26
CA TYR B 180 -8.18 20.06 -5.38
C TYR B 180 -6.68 20.12 -5.65
N GLN B 181 -6.21 19.33 -6.60
CA GLN B 181 -4.80 19.32 -6.93
C GLN B 181 -4.62 19.13 -8.43
N PRO B 182 -5.21 20.03 -9.24
CA PRO B 182 -5.13 19.99 -10.70
C PRO B 182 -3.72 20.21 -11.25
N GLU B 183 -2.83 20.68 -10.38
CA GLU B 183 -1.46 20.96 -10.78
C GLU B 183 -0.47 19.87 -10.37
N ASN B 184 -0.85 19.05 -9.40
CA ASN B 184 0.02 17.97 -8.93
C ASN B 184 -0.58 16.59 -9.23
N PRO B 185 -0.67 16.22 -10.51
CA PRO B 185 -1.24 14.93 -10.88
C PRO B 185 -0.58 13.75 -10.19
N GLN B 186 0.36 14.05 -9.31
CA GLN B 186 1.06 13.01 -8.59
C GLN B 186 0.55 12.95 -7.15
N HIS B 187 -0.30 13.93 -6.78
CA HIS B 187 -0.80 13.99 -5.43
C HIS B 187 -1.38 12.66 -5.01
N PHE B 188 -2.32 12.16 -5.80
CA PHE B 188 -2.96 10.89 -5.46
C PHE B 188 -1.91 9.80 -5.15
N ALA B 189 -0.78 9.86 -5.85
CA ALA B 189 0.31 8.89 -5.65
C ALA B 189 1.00 9.06 -4.28
N CYS B 190 1.54 10.25 -4.04
CA CYS B 190 2.22 10.53 -2.79
C CYS B 190 1.35 10.11 -1.61
N LEU B 191 0.06 10.45 -1.65
CA LEU B 191 -0.86 10.11 -0.57
C LEU B 191 -0.82 8.63 -0.26
N LEU B 192 -0.75 7.83 -1.31
CA LEU B 192 -0.71 6.39 -1.13
C LEU B 192 0.70 6.04 -0.69
N GLY B 193 1.66 6.75 -1.27
CA GLY B 193 3.04 6.51 -0.90
C GLY B 193 3.14 6.54 0.62
N ARG B 194 2.76 7.68 1.20
CA ARG B 194 2.83 7.84 2.65
C ARG B 194 2.08 6.73 3.36
N LEU B 195 1.19 6.07 2.62
CA LEU B 195 0.41 5.00 3.22
C LEU B 195 1.39 3.88 3.49
N THR B 196 2.30 3.65 2.54
CA THR B 196 3.29 2.61 2.71
C THR B 196 4.24 2.98 3.85
N GLU B 197 4.73 4.23 3.84
CA GLU B 197 5.63 4.66 4.89
C GLU B 197 5.00 4.27 6.24
N LEU B 198 3.73 4.62 6.42
CA LEU B 198 2.98 4.33 7.63
C LEU B 198 3.13 2.90 8.18
N ARG B 199 3.39 1.91 7.32
CA ARG B 199 3.52 0.55 7.84
C ARG B 199 4.89 0.32 8.47
N THR B 200 5.90 1.06 8.02
CA THR B 200 7.22 0.88 8.59
C THR B 200 7.20 1.20 10.10
N PHE B 201 6.36 2.16 10.50
CA PHE B 201 6.26 2.55 11.91
C PHE B 201 5.63 1.50 12.78
N ASN B 202 4.84 0.64 12.17
CA ASN B 202 4.19 -0.43 12.90
C ASN B 202 5.10 -1.18 13.84
N HIS B 203 6.30 -1.51 13.33
CA HIS B 203 7.31 -2.26 14.08
C HIS B 203 7.92 -1.49 15.22
N HIS B 204 8.44 -0.31 14.91
CA HIS B 204 9.08 0.54 15.92
C HIS B 204 8.11 0.75 17.07
N HIS B 205 6.83 0.92 16.72
CA HIS B 205 5.75 1.11 17.69
C HIS B 205 5.66 -0.13 18.58
N ALA B 206 5.71 -1.30 17.92
CA ALA B 206 5.63 -2.58 18.59
C ALA B 206 6.74 -2.71 19.61
N GLU B 207 7.93 -2.28 19.20
CA GLU B 207 9.11 -2.31 20.06
C GLU B 207 8.98 -1.27 21.16
N MET B 208 8.85 -0.02 20.73
CA MET B 208 8.71 1.09 21.66
C MET B 208 7.75 0.74 22.81
N LEU B 209 6.89 -0.24 22.60
CA LEU B 209 5.93 -0.64 23.61
C LEU B 209 6.47 -1.53 24.72
N MET B 210 7.42 -2.39 24.40
CA MET B 210 7.96 -3.28 25.43
C MET B 210 8.96 -2.61 26.35
N SER B 211 9.18 -1.32 26.16
CA SER B 211 10.12 -0.59 27.00
C SER B 211 9.41 0.53 27.77
N TRP B 212 8.35 1.06 27.17
CA TRP B 212 7.55 2.12 27.79
C TRP B 212 6.94 1.50 29.05
N ARG B 213 7.04 2.17 30.20
CA ARG B 213 6.47 1.62 31.42
C ARG B 213 6.09 2.68 32.44
N VAL B 214 7.04 3.55 32.76
CA VAL B 214 6.81 4.62 33.72
C VAL B 214 6.68 4.04 35.11
N ASN B 215 6.80 2.72 35.20
CA ASN B 215 6.71 2.00 36.46
C ASN B 215 5.30 2.09 37.08
N ASP B 216 4.96 1.05 37.84
CA ASP B 216 3.68 0.93 38.52
C ASP B 216 2.42 1.36 37.75
N HIS B 217 2.54 1.54 36.44
CA HIS B 217 1.40 1.95 35.62
C HIS B 217 1.24 1.02 34.41
N LYS B 218 0.09 0.37 34.33
CA LYS B 218 -0.21 -0.57 33.25
C LYS B 218 -0.89 0.12 32.07
N PHE B 219 -1.44 -0.71 31.18
CA PHE B 219 -2.16 -0.23 30.01
C PHE B 219 -3.64 -0.62 30.14
N THR B 220 -4.54 0.15 29.50
CA THR B 220 -5.97 -0.16 29.53
C THR B 220 -6.19 -1.49 28.84
N PRO B 221 -7.05 -2.37 29.39
CA PRO B 221 -7.27 -3.66 28.72
C PRO B 221 -7.45 -3.43 27.22
N LEU B 222 -8.37 -2.57 26.84
CA LEU B 222 -8.57 -2.31 25.42
C LEU B 222 -7.25 -2.21 24.67
N LEU B 223 -6.27 -1.51 25.23
CA LEU B 223 -4.98 -1.37 24.56
C LEU B 223 -4.15 -2.66 24.54
N CYS B 224 -4.20 -3.44 25.63
CA CYS B 224 -3.47 -4.71 25.67
C CYS B 224 -3.83 -5.48 24.41
N GLU B 225 -5.12 -5.43 24.05
CA GLU B 225 -5.64 -6.15 22.90
C GLU B 225 -5.24 -5.56 21.56
N ILE B 226 -5.76 -4.39 21.19
CA ILE B 226 -5.40 -3.87 19.87
C ILE B 226 -3.91 -3.59 19.64
N TRP B 227 -3.11 -3.63 20.70
CA TRP B 227 -1.68 -3.34 20.56
C TRP B 227 -0.79 -4.55 20.85
N ASP B 228 -0.99 -5.19 22.00
CA ASP B 228 -0.27 -6.41 22.45
C ASP B 228 0.31 -6.52 23.87
N VAL B 229 0.75 -5.42 24.47
CA VAL B 229 1.33 -5.45 25.82
C VAL B 229 0.77 -6.55 26.73
N GLU C 1 -3.01 -25.00 -7.18
CA GLU C 1 -2.04 -26.08 -7.29
C GLU C 1 -0.78 -25.56 -7.98
N ASN C 2 -0.96 -24.45 -8.72
CA ASN C 2 0.10 -23.79 -9.49
C ASN C 2 1.21 -24.71 -9.95
N ALA C 3 0.84 -25.87 -10.48
CA ALA C 3 1.80 -26.85 -10.92
C ALA C 3 2.76 -26.36 -12.03
N LEU C 4 2.27 -25.56 -12.97
CA LEU C 4 3.16 -25.07 -14.03
C LEU C 4 4.26 -24.20 -13.44
N LEU C 5 3.86 -23.22 -12.63
CA LEU C 5 4.80 -22.30 -11.99
C LEU C 5 5.83 -23.03 -11.12
N ARG C 6 5.36 -23.98 -10.31
CA ARG C 6 6.26 -24.74 -9.46
C ARG C 6 7.33 -25.35 -10.34
N TYR C 7 6.89 -26.04 -11.39
CA TYR C 7 7.81 -26.66 -12.34
C TYR C 7 8.79 -25.58 -12.88
N LEU C 8 8.30 -24.37 -13.14
CA LEU C 8 9.17 -23.30 -13.64
C LEU C 8 10.10 -22.76 -12.56
N LEU C 9 9.69 -22.88 -11.30
CA LEU C 9 10.48 -22.42 -10.17
C LEU C 9 11.67 -23.33 -10.04
N ASP C 10 11.43 -24.62 -9.77
CA ASP C 10 12.52 -25.59 -9.70
C ASP C 10 13.02 -25.66 -11.13
N LYS C 11 14.27 -26.07 -11.38
CA LYS C 11 14.82 -26.10 -12.73
C LYS C 11 13.80 -25.88 -13.86
N ASP C 12 13.77 -24.66 -14.40
CA ASP C 12 12.84 -24.28 -15.47
C ASP C 12 12.88 -25.25 -16.65
N GLU D 1 -8.11 -14.55 22.54
CA GLU D 1 -9.27 -14.01 21.87
C GLU D 1 -9.46 -12.55 22.26
N ASN D 2 -9.58 -11.68 21.26
CA ASN D 2 -9.76 -10.25 21.55
C ASN D 2 -11.20 -9.99 21.99
N ALA D 3 -11.62 -10.62 23.09
CA ALA D 3 -12.97 -10.46 23.60
C ALA D 3 -13.48 -9.03 23.56
N LEU D 4 -12.78 -8.14 24.27
CA LEU D 4 -13.21 -6.76 24.31
C LEU D 4 -13.33 -6.18 22.91
N LEU D 5 -12.31 -6.37 22.09
CA LEU D 5 -12.33 -5.85 20.72
C LEU D 5 -13.53 -6.36 19.91
N ARG D 6 -13.97 -7.57 20.22
CA ARG D 6 -15.12 -8.14 19.49
C ARG D 6 -16.34 -7.36 19.92
N TYR D 7 -16.61 -7.46 21.22
CA TYR D 7 -17.74 -6.79 21.83
C TYR D 7 -17.91 -5.35 21.33
N LEU D 8 -16.82 -4.67 20.99
CA LEU D 8 -16.95 -3.30 20.49
C LEU D 8 -17.40 -3.29 19.02
N LEU D 9 -17.44 -4.45 18.38
CA LEU D 9 -17.86 -4.51 16.98
C LEU D 9 -19.27 -5.06 16.86
N ASP D 10 -19.56 -6.06 17.67
CA ASP D 10 -20.86 -6.68 17.63
C ASP D 10 -21.78 -6.05 18.67
N LYS D 11 -21.32 -4.94 19.25
CA LYS D 11 -22.04 -4.24 20.29
C LYS D 11 -23.39 -3.71 19.82
N ASP D 12 -23.43 -2.42 19.49
CA ASP D 12 -24.65 -1.76 19.04
C ASP D 12 -24.33 -0.36 18.52
N GLU E 1 -19.33 10.52 32.26
CA GLU E 1 -20.20 10.73 31.10
C GLU E 1 -20.34 9.48 30.24
N ASN E 2 -19.43 9.31 29.29
CA ASN E 2 -19.44 8.16 28.38
C ASN E 2 -19.28 6.88 29.22
N ALA E 3 -20.40 6.22 29.53
CA ALA E 3 -20.41 5.01 30.36
C ALA E 3 -19.41 3.92 29.93
N LEU E 4 -19.24 3.75 28.62
CA LEU E 4 -18.34 2.74 28.07
C LEU E 4 -16.88 3.09 28.35
N LEU E 5 -16.47 4.25 27.86
CA LEU E 5 -15.12 4.75 28.03
C LEU E 5 -14.69 4.54 29.48
N ARG E 6 -15.56 4.96 30.38
CA ARG E 6 -15.35 4.85 31.82
C ARG E 6 -15.10 3.40 32.23
N TYR E 7 -15.44 2.46 31.35
CA TYR E 7 -15.21 1.04 31.62
C TYR E 7 -13.91 0.67 30.92
N LEU E 8 -13.72 1.27 29.75
CA LEU E 8 -12.53 1.04 28.96
C LEU E 8 -11.28 1.46 29.68
N LEU E 9 -11.34 2.61 30.36
CA LEU E 9 -10.18 3.13 31.08
C LEU E 9 -9.90 2.39 32.38
N ASP E 10 -10.92 1.71 32.89
CA ASP E 10 -10.77 0.97 34.13
C ASP E 10 -9.88 -0.26 33.98
N LYS E 11 -8.86 -0.34 34.82
CA LYS E 11 -7.93 -1.46 34.79
C LYS E 11 -7.65 -1.99 36.20
N ASP E 12 -8.39 -3.01 36.60
CA ASP E 12 -8.22 -3.60 37.92
C ASP E 12 -6.99 -4.52 37.92
#